data_4P7N
#
_entry.id   4P7N
#
_cell.length_a   41.967
_cell.length_b   78.833
_cell.length_c   115.960
_cell.angle_alpha   90.000
_cell.angle_beta   90.000
_cell.angle_gamma   90.000
#
_symmetry.space_group_name_H-M   'P 21 21 21'
#
loop_
_entity.id
_entity.type
_entity.pdbx_description
1 polymer 'Poly-beta-1,6-N-acetyl-D-glucosamine N-deacetylase'
2 non-polymer 2-amino-2-deoxy-beta-D-glucopyranose
3 water water
#
_entity_poly.entity_id   1
_entity_poly.type   'polypeptide(L)'
_entity_poly.pdbx_seq_one_letter_code
;GSHMEKSPQRIMHIDLDYVYDENLQQMDRNIDVLIQRVKDMQISTVYLQAFADPDGDGLVKEVWFPNRLLPMKADIFSRV
AWQLRTRSGVNIYAWMPVLSWDLDPTLTRVKYLPTGEKKAQIHPEQYHRLSPFDDRVRAQVGMLYEDLAGHAAFDGILFH
DDALLSDYEDASAPAITAYQQAGFSGSLSEIRQNPEQFKQWARFKSRALTDFTLELSARVKAIRGPHIKTARNIFALPVI
QPESEAWFAQNYADFLKSYDWTAIMAMPYLEGVAEKSADQWLIQLTNQIKNIPQAKDKSILELQAQNWQKNGQHQAISSQ
QLAHWMSLLQLNGVKNYGYYPDNFLHNQPEIDLIRPEFSTAWYPKND
;
_entity_poly.pdbx_strand_id   A
#
loop_
_chem_comp.id
_chem_comp.type
_chem_comp.name
_chem_comp.formula
GCS D-saccharide, beta linking 2-amino-2-deoxy-beta-D-glucopyranose 'C6 H13 N O5'
#
# COMPACT_ATOMS: atom_id res chain seq x y z
N GLY A 1 -21.59 14.31 -1.12
CA GLY A 1 -21.37 14.55 0.30
C GLY A 1 -19.94 14.30 0.75
N SER A 2 -19.53 14.97 1.82
CA SER A 2 -18.17 14.84 2.36
C SER A 2 -18.16 14.05 3.66
N HIS A 3 -16.97 13.59 4.05
CA HIS A 3 -16.78 12.79 5.25
C HIS A 3 -15.51 13.23 5.99
N MET A 4 -15.69 13.86 7.16
CA MET A 4 -14.55 14.32 7.96
C MET A 4 -13.80 13.16 8.62
N GLU A 5 -12.51 13.36 8.86
CA GLU A 5 -11.71 12.37 9.57
C GLU A 5 -11.05 12.99 10.79
N LYS A 6 -11.44 12.52 11.98
CA LYS A 6 -10.98 13.07 13.23
C LYS A 6 -9.48 12.87 13.45
N SER A 7 -8.76 13.97 13.62
CA SER A 7 -7.35 13.96 13.99
C SER A 7 -7.19 13.34 15.37
N PRO A 8 -6.11 12.57 15.60
CA PRO A 8 -5.12 12.07 14.64
C PRO A 8 -5.47 10.71 14.04
N GLN A 9 -4.80 10.34 12.96
CA GLN A 9 -5.10 9.06 12.35
C GLN A 9 -4.31 7.95 13.02
N ARG A 10 -5.01 6.89 13.39
CA ARG A 10 -4.38 5.73 14.02
C ARG A 10 -4.89 4.49 13.30
N ILE A 11 -3.98 3.81 12.61
CA ILE A 11 -4.38 2.85 11.59
C ILE A 11 -3.94 1.42 11.86
N MET A 12 -4.91 0.49 11.77
CA MET A 12 -4.60 -0.94 11.72
C MET A 12 -4.67 -1.41 10.27
N HIS A 13 -3.61 -2.05 9.79
CA HIS A 13 -3.54 -2.51 8.41
C HIS A 13 -3.73 -4.03 8.47
N ILE A 14 -4.84 -4.53 7.94
CA ILE A 14 -5.31 -5.88 8.29
C ILE A 14 -5.51 -6.80 7.08
N ASP A 15 -4.91 -8.00 7.12
CA ASP A 15 -5.10 -9.04 6.09
C ASP A 15 -6.30 -9.89 6.46
N LEU A 16 -6.96 -10.46 5.45
CA LEU A 16 -8.08 -11.35 5.73
C LEU A 16 -7.74 -12.82 5.53
N ASP A 17 -6.51 -13.12 5.14
CA ASP A 17 -6.13 -14.49 4.80
C ASP A 17 -6.31 -15.50 5.93
N TYR A 18 -6.15 -15.06 7.17
CA TYR A 18 -6.27 -15.98 8.30
C TYR A 18 -7.57 -15.78 9.05
N VAL A 19 -8.33 -14.77 8.66
CA VAL A 19 -9.73 -14.65 9.04
C VAL A 19 -10.53 -15.71 8.28
N TYR A 20 -10.28 -15.80 6.98
CA TYR A 20 -10.83 -16.88 6.15
C TYR A 20 -10.60 -18.26 6.77
N ASP A 21 -11.61 -19.12 6.71
CA ASP A 21 -11.46 -20.53 7.05
C ASP A 21 -12.44 -21.32 6.19
N GLU A 22 -12.03 -22.49 5.72
CA GLU A 22 -12.92 -23.29 4.86
C GLU A 22 -14.11 -23.78 5.66
N ASN A 23 -13.99 -23.79 6.98
CA ASN A 23 -15.11 -24.10 7.84
C ASN A 23 -15.87 -22.81 8.15
N LEU A 24 -17.11 -22.72 7.66
CA LEU A 24 -17.87 -21.49 7.72
C LEU A 24 -18.10 -21.03 9.16
N GLN A 25 -18.35 -21.98 10.05
CA GLN A 25 -18.60 -21.65 11.44
C GLN A 25 -17.34 -21.10 12.09
N GLN A 26 -16.18 -21.64 11.72
CA GLN A 26 -14.93 -21.11 12.27
C GLN A 26 -14.67 -19.71 11.73
N MET A 27 -14.92 -19.51 10.44
CA MET A 27 -14.74 -18.18 9.86
C MET A 27 -15.68 -17.17 10.53
N ASP A 28 -16.90 -17.58 10.85
CA ASP A 28 -17.82 -16.73 11.60
C ASP A 28 -17.22 -16.27 12.94
N ARG A 29 -16.64 -17.21 13.69
CA ARG A 29 -16.04 -16.86 14.99
C ARG A 29 -14.82 -15.97 14.77
N ASN A 30 -14.01 -16.27 13.76
CA ASN A 30 -12.86 -15.43 13.44
C ASN A 30 -13.25 -13.98 13.20
N ILE A 31 -14.29 -13.79 12.38
CA ILE A 31 -14.75 -12.43 12.04
C ILE A 31 -15.25 -11.72 13.30
N ASP A 32 -16.00 -12.44 14.13
CA ASP A 32 -16.49 -11.86 15.38
C ASP A 32 -15.32 -11.40 16.27
N VAL A 33 -14.29 -12.25 16.37
CA VAL A 33 -13.15 -11.90 17.21
C VAL A 33 -12.40 -10.69 16.64
N LEU A 34 -12.25 -10.65 15.31
CA LEU A 34 -11.58 -9.52 14.66
C LEU A 34 -12.35 -8.19 14.89
N ILE A 35 -13.66 -8.23 14.72
CA ILE A 35 -14.45 -7.02 14.90
C ILE A 35 -14.33 -6.50 16.33
N GLN A 36 -14.38 -7.42 17.29
CA GLN A 36 -14.21 -7.07 18.71
C GLN A 36 -12.80 -6.54 19.00
N ARG A 37 -11.80 -7.11 18.34
CA ARG A 37 -10.42 -6.67 18.54
C ARG A 37 -10.25 -5.23 18.04
N VAL A 38 -10.71 -4.94 16.83
CA VAL A 38 -10.61 -3.57 16.34
C VAL A 38 -11.42 -2.60 17.21
N LYS A 39 -12.62 -3.01 17.62
CA LYS A 39 -13.41 -2.20 18.55
C LYS A 39 -12.63 -1.88 19.82
N ASP A 40 -12.01 -2.89 20.42
CA ASP A 40 -11.31 -2.71 21.69
C ASP A 40 -10.06 -1.84 21.52
N MET A 41 -9.43 -1.90 20.35
CA MET A 41 -8.23 -1.12 20.11
C MET A 41 -8.54 0.39 20.19
N GLN A 42 -9.76 0.76 19.78
CA GLN A 42 -10.22 2.14 19.82
C GLN A 42 -9.27 3.08 19.05
N ILE A 43 -9.23 2.87 17.74
CA ILE A 43 -8.42 3.71 16.87
C ILE A 43 -9.31 4.22 15.73
N SER A 44 -8.73 4.82 14.69
CA SER A 44 -9.57 5.59 13.76
C SER A 44 -9.90 4.88 12.45
N THR A 45 -8.97 4.07 11.97
CA THR A 45 -8.99 3.61 10.58
C THR A 45 -8.44 2.20 10.42
N VAL A 46 -9.08 1.40 9.57
CA VAL A 46 -8.54 0.12 9.15
C VAL A 46 -8.29 0.12 7.65
N TYR A 47 -7.05 -0.19 7.27
CA TYR A 47 -6.75 -0.50 5.89
C TYR A 47 -6.99 -1.99 5.71
N LEU A 48 -8.03 -2.36 4.95
CA LEU A 48 -8.51 -3.74 4.90
C LEU A 48 -8.22 -4.43 3.56
N GLN A 49 -7.47 -5.51 3.62
CA GLN A 49 -7.12 -6.32 2.45
C GLN A 49 -8.36 -6.73 1.63
N ALA A 50 -8.39 -6.41 0.34
CA ALA A 50 -9.54 -6.80 -0.48
C ALA A 50 -9.23 -8.00 -1.36
N PHE A 51 -7.95 -8.37 -1.38
CA PHE A 51 -7.44 -9.44 -2.25
C PHE A 51 -6.92 -10.58 -1.40
N ALA A 52 -6.86 -11.78 -1.96
CA ALA A 52 -6.25 -12.91 -1.24
C ALA A 52 -4.73 -12.92 -1.45
N ASP A 53 -4.00 -13.27 -0.40
CA ASP A 53 -2.55 -13.40 -0.52
C ASP A 53 -2.05 -14.60 0.29
N PRO A 54 -2.47 -15.82 -0.07
CA PRO A 54 -2.12 -16.97 0.76
C PRO A 54 -0.62 -17.33 0.73
N ASP A 55 0.09 -16.96 -0.33
CA ASP A 55 1.46 -17.43 -0.50
C ASP A 55 2.52 -16.33 -0.36
N GLY A 56 2.08 -15.08 -0.41
CA GLY A 56 3.02 -13.95 -0.42
C GLY A 56 3.97 -14.03 -1.60
N ASP A 57 3.46 -14.44 -2.76
CA ASP A 57 4.30 -14.62 -3.93
C ASP A 57 4.20 -13.45 -4.91
N GLY A 58 3.69 -12.33 -4.44
CA GLY A 58 3.69 -11.09 -5.22
C GLY A 58 2.76 -11.09 -6.42
N LEU A 59 1.68 -11.86 -6.35
CA LEU A 59 0.70 -11.92 -7.43
C LEU A 59 -0.70 -12.27 -6.92
N VAL A 60 -1.69 -11.43 -7.24
CA VAL A 60 -3.05 -11.70 -6.82
C VAL A 60 -3.80 -12.55 -7.84
N LYS A 61 -4.25 -13.73 -7.39
CA LYS A 61 -4.95 -14.70 -8.24
C LYS A 61 -6.43 -14.77 -7.89
N GLU A 62 -6.75 -14.44 -6.65
CA GLU A 62 -8.11 -14.49 -6.12
C GLU A 62 -8.38 -13.30 -5.22
N VAL A 63 -9.66 -12.94 -5.07
CA VAL A 63 -10.04 -11.79 -4.25
C VAL A 63 -11.19 -12.11 -3.28
N TRP A 64 -11.51 -11.15 -2.42
CA TRP A 64 -12.50 -11.38 -1.36
C TRP A 64 -13.85 -10.76 -1.71
N PHE A 65 -14.07 -10.52 -2.99
CA PHE A 65 -15.32 -9.91 -3.45
C PHE A 65 -15.69 -10.46 -4.82
N PRO A 66 -17.00 -10.54 -5.11
CA PRO A 66 -17.42 -11.04 -6.42
C PRO A 66 -17.05 -10.07 -7.53
N ASN A 67 -16.70 -10.58 -8.70
CA ASN A 67 -16.15 -9.74 -9.75
C ASN A 67 -16.07 -10.51 -11.06
N ARG A 68 -15.77 -9.81 -12.14
CA ARG A 68 -15.86 -10.38 -13.48
C ARG A 68 -14.62 -11.15 -13.95
N LEU A 69 -13.47 -10.90 -13.36
CA LEU A 69 -12.21 -11.35 -13.97
C LEU A 69 -11.40 -12.39 -13.18
N LEU A 70 -11.56 -12.42 -11.87
CA LEU A 70 -10.75 -13.30 -11.02
C LEU A 70 -11.64 -14.11 -10.07
N PRO A 71 -11.18 -15.31 -9.69
CA PRO A 71 -11.93 -16.10 -8.72
C PRO A 71 -12.13 -15.36 -7.41
N MET A 72 -13.33 -15.50 -6.85
CA MET A 72 -13.60 -15.02 -5.51
C MET A 72 -13.36 -16.17 -4.53
N LYS A 73 -12.33 -16.03 -3.69
CA LYS A 73 -12.00 -17.09 -2.73
C LYS A 73 -13.07 -17.22 -1.66
N ALA A 74 -13.59 -16.08 -1.21
CA ALA A 74 -14.72 -16.05 -0.29
C ALA A 74 -15.30 -14.65 -0.26
N ASP A 75 -16.63 -14.54 -0.18
CA ASP A 75 -17.27 -13.23 -0.17
C ASP A 75 -17.20 -12.65 1.23
N ILE A 76 -16.04 -12.11 1.61
CA ILE A 76 -15.93 -11.61 2.99
C ILE A 76 -15.47 -10.17 3.15
N PHE A 77 -14.98 -9.51 2.11
CA PHE A 77 -14.58 -8.11 2.31
C PHE A 77 -15.75 -7.23 2.78
N SER A 78 -16.89 -7.30 2.10
CA SER A 78 -18.00 -6.41 2.44
C SER A 78 -18.55 -6.75 3.82
N ARG A 79 -18.59 -8.05 4.12
CA ARG A 79 -19.08 -8.54 5.40
C ARG A 79 -18.26 -8.00 6.57
N VAL A 80 -16.95 -8.05 6.44
CA VAL A 80 -16.08 -7.53 7.49
C VAL A 80 -16.13 -5.99 7.51
N ALA A 81 -16.08 -5.37 6.32
CA ALA A 81 -16.09 -3.92 6.23
C ALA A 81 -17.30 -3.28 6.91
N TRP A 82 -18.51 -3.77 6.67
CA TRP A 82 -19.63 -2.99 7.18
C TRP A 82 -19.72 -3.15 8.69
N GLN A 83 -19.24 -4.27 9.21
CA GLN A 83 -19.30 -4.45 10.67
C GLN A 83 -18.20 -3.65 11.37
N LEU A 84 -17.02 -3.55 10.75
CA LEU A 84 -15.99 -2.66 11.27
C LEU A 84 -16.46 -1.20 11.25
N ARG A 85 -17.22 -0.83 10.23
CA ARG A 85 -17.66 0.56 10.09
C ARG A 85 -18.75 0.96 11.09
N THR A 86 -19.49 -0.03 11.60
CA THR A 86 -20.67 0.23 12.45
C THR A 86 -20.53 -0.28 13.88
N ARG A 87 -19.70 -1.28 14.10
CA ARG A 87 -19.49 -1.80 15.45
C ARG A 87 -18.15 -1.39 16.04
N SER A 88 -17.14 -1.32 15.19
CA SER A 88 -15.77 -1.10 15.64
C SER A 88 -15.34 0.37 15.59
N GLY A 89 -16.21 1.22 15.07
CA GLY A 89 -15.99 2.65 15.11
C GLY A 89 -14.93 3.20 14.16
N VAL A 90 -14.62 2.48 13.08
CA VAL A 90 -13.55 2.91 12.18
C VAL A 90 -13.99 3.16 10.74
N ASN A 91 -13.24 4.02 10.07
CA ASN A 91 -13.29 4.15 8.62
C ASN A 91 -12.56 2.99 7.98
N ILE A 92 -13.08 2.49 6.86
CA ILE A 92 -12.44 1.37 6.15
C ILE A 92 -11.89 1.81 4.81
N TYR A 93 -10.61 1.57 4.56
CA TYR A 93 -10.01 1.76 3.24
C TYR A 93 -9.84 0.38 2.60
N ALA A 94 -10.37 0.23 1.38
CA ALA A 94 -10.16 -1.00 0.62
C ALA A 94 -8.73 -1.03 0.11
N TRP A 95 -7.96 -2.01 0.59
CA TRP A 95 -6.56 -2.14 0.17
C TRP A 95 -6.49 -3.01 -1.08
N MET A 96 -6.04 -2.41 -2.18
CA MET A 96 -6.05 -3.04 -3.49
C MET A 96 -4.68 -2.94 -4.16
N PRO A 97 -4.25 -4.02 -4.82
CA PRO A 97 -3.06 -3.90 -5.67
C PRO A 97 -3.32 -2.94 -6.82
N VAL A 98 -2.27 -2.28 -7.28
CA VAL A 98 -2.45 -1.41 -8.44
C VAL A 98 -2.16 -2.24 -9.71
N LEU A 99 -1.08 -3.01 -9.68
CA LEU A 99 -0.60 -3.69 -10.89
C LEU A 99 -0.50 -5.23 -10.80
N SER A 100 -0.39 -5.78 -9.60
CA SER A 100 0.03 -7.18 -9.48
C SER A 100 -1.13 -8.18 -9.54
N TRP A 101 -1.75 -8.27 -10.71
CA TRP A 101 -2.95 -9.05 -10.93
C TRP A 101 -2.67 -10.21 -11.88
N ASP A 102 -3.20 -11.40 -11.56
CA ASP A 102 -3.02 -12.59 -12.41
C ASP A 102 -4.03 -12.62 -13.57
N LEU A 103 -3.97 -11.63 -14.45
CA LEU A 103 -4.95 -11.52 -15.53
C LEU A 103 -4.45 -12.21 -16.79
N ASP A 104 -5.28 -12.19 -17.83
CA ASP A 104 -4.98 -12.69 -19.17
C ASP A 104 -3.48 -12.59 -19.50
N PRO A 105 -2.83 -13.71 -19.82
CA PRO A 105 -1.40 -13.74 -20.18
C PRO A 105 -1.01 -12.77 -21.31
N THR A 106 -1.94 -12.42 -22.21
CA THR A 106 -1.58 -11.53 -23.32
C THR A 106 -1.49 -10.09 -22.84
N LEU A 107 -1.95 -9.81 -21.64
CA LEU A 107 -1.80 -8.47 -21.08
C LEU A 107 -0.32 -8.25 -20.79
N THR A 108 0.15 -7.03 -21.04
CA THR A 108 1.57 -6.71 -20.90
C THR A 108 2.02 -6.73 -19.45
N ARG A 109 3.10 -7.45 -19.18
CA ARG A 109 3.74 -7.39 -17.87
C ARG A 109 4.86 -6.37 -17.86
N VAL A 110 5.06 -5.73 -16.72
CA VAL A 110 6.27 -4.93 -16.50
C VAL A 110 7.49 -5.82 -16.65
N LYS A 111 8.48 -5.35 -17.43
CA LYS A 111 9.76 -6.03 -17.56
C LYS A 111 10.92 -5.07 -17.31
N TYR A 112 12.10 -5.64 -17.01
CA TYR A 112 13.31 -4.83 -16.87
C TYR A 112 14.33 -5.26 -17.91
N LEU A 113 15.29 -4.38 -18.18
CA LEU A 113 16.34 -4.70 -19.14
C LEU A 113 17.61 -5.11 -18.40
N PRO A 114 17.93 -6.40 -18.41
CA PRO A 114 19.12 -6.87 -17.69
C PRO A 114 20.40 -6.40 -18.36
N THR A 115 21.34 -5.93 -17.56
CA THR A 115 22.65 -5.52 -18.05
C THR A 115 23.24 -6.60 -18.96
N GLY A 116 23.67 -6.22 -20.16
CA GLY A 116 24.39 -7.14 -21.03
C GLY A 116 23.49 -8.09 -21.78
N GLU A 117 22.18 -7.92 -21.64
CA GLU A 117 21.23 -8.73 -22.38
C GLU A 117 20.35 -7.85 -23.26
N LYS A 118 19.92 -8.39 -24.40
CA LYS A 118 19.16 -7.65 -25.38
C LYS A 118 17.66 -7.68 -25.07
N LYS A 119 17.17 -8.80 -24.58
CA LYS A 119 15.74 -8.98 -24.34
C LYS A 119 15.32 -8.66 -22.89
N ALA A 120 14.22 -7.92 -22.75
CA ALA A 120 13.69 -7.58 -21.43
C ALA A 120 13.17 -8.84 -20.75
N GLN A 121 13.18 -8.83 -19.42
CA GLN A 121 12.77 -10.00 -18.64
C GLN A 121 11.96 -9.55 -17.43
N ILE A 122 11.40 -10.53 -16.73
CA ILE A 122 10.63 -10.23 -15.52
C ILE A 122 11.51 -10.42 -14.29
N HIS A 123 11.65 -9.38 -13.47
CA HIS A 123 12.55 -9.44 -12.31
C HIS A 123 12.03 -10.45 -11.27
N PRO A 124 12.86 -11.43 -10.89
CA PRO A 124 12.37 -12.50 -10.03
C PRO A 124 11.95 -12.06 -8.63
N GLU A 125 12.64 -11.08 -8.06
CA GLU A 125 12.34 -10.66 -6.70
C GLU A 125 11.63 -9.30 -6.63
N GLN A 126 10.70 -9.07 -7.54
CA GLN A 126 9.85 -7.89 -7.51
C GLN A 126 8.40 -8.33 -7.71
N TYR A 127 7.43 -7.51 -7.29
CA TYR A 127 6.03 -7.78 -7.58
C TYR A 127 5.83 -8.11 -9.05
N HIS A 128 4.95 -9.09 -9.31
CA HIS A 128 4.61 -9.45 -10.68
C HIS A 128 3.56 -8.49 -11.21
N ARG A 129 4.05 -7.33 -11.67
CA ARG A 129 3.21 -6.21 -12.04
C ARG A 129 2.82 -6.27 -13.50
N LEU A 130 1.56 -5.96 -13.79
CA LEU A 130 1.14 -5.65 -15.15
C LEU A 130 1.61 -4.25 -15.50
N SER A 131 1.79 -3.96 -16.79
CA SER A 131 2.28 -2.65 -17.21
C SER A 131 1.17 -1.62 -17.24
N PRO A 132 1.42 -0.45 -16.64
CA PRO A 132 0.43 0.63 -16.70
C PRO A 132 0.42 1.31 -18.07
N PHE A 133 1.35 0.91 -18.94
CA PHE A 133 1.44 1.48 -20.28
C PHE A 133 0.64 0.67 -21.29
N ASP A 134 0.03 -0.41 -20.82
CA ASP A 134 -0.89 -1.19 -21.64
C ASP A 134 -2.31 -0.72 -21.38
N ASP A 135 -2.96 -0.16 -22.39
CA ASP A 135 -4.32 0.35 -22.18
C ASP A 135 -5.29 -0.72 -21.70
N ARG A 136 -5.10 -1.97 -22.12
CA ARG A 136 -6.04 -3.01 -21.72
C ARG A 136 -5.86 -3.39 -20.25
N VAL A 137 -4.63 -3.29 -19.77
CA VAL A 137 -4.38 -3.43 -18.33
C VAL A 137 -5.16 -2.39 -17.54
N ARG A 138 -5.09 -1.14 -17.98
CA ARG A 138 -5.81 -0.06 -17.32
C ARG A 138 -7.32 -0.35 -17.31
N ALA A 139 -7.84 -0.86 -18.42
CA ALA A 139 -9.26 -1.20 -18.52
C ALA A 139 -9.67 -2.32 -17.56
N GLN A 140 -8.88 -3.39 -17.51
CA GLN A 140 -9.27 -4.57 -16.73
C GLN A 140 -9.08 -4.33 -15.23
N VAL A 141 -8.02 -3.64 -14.85
CA VAL A 141 -7.85 -3.27 -13.44
C VAL A 141 -8.96 -2.30 -13.05
N GLY A 142 -9.35 -1.43 -13.99
CA GLY A 142 -10.51 -0.58 -13.78
C GLY A 142 -11.77 -1.39 -13.47
N MET A 143 -11.98 -2.48 -14.21
CA MET A 143 -13.14 -3.35 -13.97
C MET A 143 -13.12 -3.98 -12.58
N LEU A 144 -11.94 -4.41 -12.12
CA LEU A 144 -11.84 -4.98 -10.77
C LEU A 144 -12.21 -3.95 -9.70
N TYR A 145 -11.72 -2.73 -9.84
CA TYR A 145 -12.02 -1.70 -8.85
C TYR A 145 -13.51 -1.34 -8.92
N GLU A 146 -14.09 -1.33 -10.12
CA GLU A 146 -15.51 -1.04 -10.25
C GLU A 146 -16.34 -2.17 -9.64
N ASP A 147 -15.87 -3.41 -9.77
CA ASP A 147 -16.59 -4.55 -9.22
C ASP A 147 -16.58 -4.47 -7.68
N LEU A 148 -15.42 -4.10 -7.13
CA LEU A 148 -15.31 -3.86 -5.69
C LEU A 148 -16.28 -2.77 -5.26
N ALA A 149 -16.25 -1.63 -5.96
CA ALA A 149 -17.07 -0.49 -5.61
C ALA A 149 -18.55 -0.80 -5.70
N GLY A 150 -18.93 -1.64 -6.65
CA GLY A 150 -20.33 -2.00 -6.82
C GLY A 150 -20.84 -2.98 -5.77
N HIS A 151 -19.94 -3.77 -5.19
CA HIS A 151 -20.37 -4.81 -4.27
C HIS A 151 -20.29 -4.42 -2.80
N ALA A 152 -19.39 -3.49 -2.47
CA ALA A 152 -19.07 -3.19 -1.08
C ALA A 152 -19.15 -1.70 -0.82
N ALA A 153 -19.50 -1.34 0.41
CA ALA A 153 -19.43 0.07 0.82
C ALA A 153 -18.24 0.26 1.77
N PHE A 154 -17.54 1.37 1.61
CA PHE A 154 -16.34 1.64 2.38
C PHE A 154 -16.00 3.13 2.28
N ASP A 155 -14.95 3.54 2.99
CA ASP A 155 -14.65 4.96 3.15
C ASP A 155 -13.48 5.46 2.33
N GLY A 156 -12.65 4.56 1.85
CA GLY A 156 -11.48 4.97 1.11
C GLY A 156 -10.83 3.83 0.34
N ILE A 157 -9.75 4.16 -0.36
CA ILE A 157 -8.97 3.20 -1.11
C ILE A 157 -7.54 3.33 -0.64
N LEU A 158 -6.89 2.21 -0.34
CA LEU A 158 -5.44 2.23 -0.17
C LEU A 158 -4.80 1.56 -1.38
N PHE A 159 -4.07 2.35 -2.16
CA PHE A 159 -3.32 1.82 -3.29
C PHE A 159 -2.03 1.20 -2.81
N HIS A 160 -1.85 -0.06 -3.22
CA HIS A 160 -0.76 -0.93 -2.84
C HIS A 160 0.60 -0.35 -3.18
N ASP A 161 1.63 -0.83 -2.49
CA ASP A 161 3.00 -0.41 -2.80
C ASP A 161 3.58 -1.04 -4.07
N ASP A 162 2.77 -1.81 -4.81
CA ASP A 162 3.29 -2.47 -6.01
C ASP A 162 3.30 -1.50 -7.19
N ALA A 163 2.79 -0.28 -6.97
CA ALA A 163 2.90 0.76 -7.99
C ALA A 163 4.30 1.38 -7.89
N LEU A 164 5.30 0.67 -8.42
CA LEU A 164 6.68 1.16 -8.44
C LEU A 164 7.38 0.66 -9.70
N LEU A 165 8.39 1.39 -10.14
CA LEU A 165 9.21 0.98 -11.29
C LEU A 165 10.66 1.32 -11.02
N SER A 166 11.57 0.42 -11.37
CA SER A 166 12.98 0.70 -11.18
C SER A 166 13.53 1.50 -12.36
N ASP A 167 14.83 1.83 -12.30
CA ASP A 167 15.43 2.60 -13.38
C ASP A 167 15.78 1.73 -14.59
N TYR A 168 15.47 0.42 -14.52
CA TYR A 168 15.62 -0.46 -15.69
C TYR A 168 14.28 -0.93 -16.21
N GLU A 169 13.24 -0.28 -15.71
CA GLU A 169 11.83 -0.57 -16.01
C GLU A 169 11.15 0.73 -16.46
N ASP A 170 9.97 0.66 -17.08
CA ASP A 170 9.38 -0.54 -17.65
C ASP A 170 10.01 -0.70 -19.03
N ALA A 171 10.52 -1.90 -19.31
CA ALA A 171 11.21 -2.15 -20.57
C ALA A 171 10.31 -2.86 -21.58
N SER A 172 9.04 -3.06 -21.24
CA SER A 172 8.11 -3.75 -22.14
C SER A 172 7.86 -2.93 -23.40
N ALA A 173 7.35 -3.57 -24.45
CA ALA A 173 7.12 -2.89 -25.73
C ALA A 173 6.15 -1.68 -25.63
N PRO A 174 4.99 -1.83 -24.93
CA PRO A 174 4.11 -0.66 -24.81
C PRO A 174 4.75 0.50 -24.05
N ALA A 175 5.63 0.17 -23.11
CA ALA A 175 6.32 1.21 -22.35
C ALA A 175 7.28 1.98 -23.27
N ILE A 176 8.05 1.25 -24.05
CA ILE A 176 8.95 1.85 -25.05
C ILE A 176 8.15 2.77 -25.97
N THR A 177 6.99 2.31 -26.42
CA THR A 177 6.13 3.12 -27.28
C THR A 177 5.74 4.41 -26.58
N ALA A 178 5.30 4.29 -25.32
CA ALA A 178 4.89 5.47 -24.55
C ALA A 178 6.03 6.49 -24.38
N TYR A 179 7.22 6.02 -24.02
CA TYR A 179 8.38 6.93 -23.90
C TYR A 179 8.63 7.64 -25.21
N GLN A 180 8.64 6.88 -26.30
CA GLN A 180 8.89 7.43 -27.63
C GLN A 180 7.89 8.54 -27.96
N GLN A 181 6.63 8.28 -27.65
CA GLN A 181 5.58 9.25 -27.94
C GLN A 181 5.67 10.47 -27.03
N ALA A 182 6.25 10.29 -25.85
CA ALA A 182 6.44 11.38 -24.90
C ALA A 182 7.71 12.18 -25.18
N GLY A 183 8.42 11.82 -26.24
CA GLY A 183 9.54 12.63 -26.70
C GLY A 183 10.89 12.15 -26.21
N PHE A 184 10.92 11.01 -25.55
CA PHE A 184 12.19 10.45 -25.09
C PHE A 184 12.91 9.78 -26.25
N SER A 185 14.23 9.95 -26.29
CA SER A 185 15.02 9.61 -27.46
C SER A 185 15.80 8.32 -27.26
N GLY A 186 15.55 7.33 -28.12
CA GLY A 186 16.38 6.14 -28.15
C GLY A 186 15.88 5.00 -27.29
N SER A 187 16.76 4.04 -27.05
CA SER A 187 16.44 2.87 -26.25
C SER A 187 16.33 3.21 -24.77
N LEU A 188 15.85 2.27 -23.98
CA LEU A 188 15.77 2.48 -22.54
C LEU A 188 17.16 2.77 -21.98
N SER A 189 18.18 2.08 -22.49
CA SER A 189 19.54 2.26 -22.00
C SER A 189 20.02 3.68 -22.27
N GLU A 190 19.83 4.15 -23.49
CA GLU A 190 20.19 5.52 -23.85
C GLU A 190 19.43 6.57 -23.02
N ILE A 191 18.14 6.36 -22.79
CA ILE A 191 17.36 7.27 -21.98
C ILE A 191 17.86 7.28 -20.53
N ARG A 192 17.90 6.09 -19.94
CA ARG A 192 18.39 5.89 -18.58
C ARG A 192 19.77 6.53 -18.32
N GLN A 193 20.62 6.57 -19.34
CA GLN A 193 21.97 7.10 -19.14
C GLN A 193 22.19 8.48 -19.80
N ASN A 194 21.09 9.13 -20.18
CA ASN A 194 21.14 10.44 -20.83
C ASN A 194 20.99 11.55 -19.79
N PRO A 195 22.05 12.34 -19.57
CA PRO A 195 22.00 13.40 -18.55
C PRO A 195 20.81 14.34 -18.73
N GLU A 196 20.36 14.51 -19.97
CA GLU A 196 19.32 15.49 -20.24
C GLU A 196 17.93 14.88 -20.29
N GLN A 197 17.84 13.57 -20.12
CA GLN A 197 16.52 12.95 -20.15
C GLN A 197 16.24 12.02 -18.97
N PHE A 198 17.27 11.55 -18.26
CA PHE A 198 17.04 10.47 -17.30
C PHE A 198 16.18 10.90 -16.11
N LYS A 199 16.27 12.18 -15.73
CA LYS A 199 15.46 12.63 -14.59
C LYS A 199 14.04 12.90 -15.04
N GLN A 200 13.90 13.43 -16.24
CA GLN A 200 12.58 13.68 -16.81
C GLN A 200 11.87 12.35 -17.03
N TRP A 201 12.66 11.32 -17.39
CA TRP A 201 12.13 9.99 -17.62
C TRP A 201 11.59 9.36 -16.33
N ALA A 202 12.35 9.52 -15.24
CA ALA A 202 11.89 9.02 -13.94
C ALA A 202 10.57 9.69 -13.55
N ARG A 203 10.49 11.00 -13.75
CA ARG A 203 9.28 11.75 -13.43
C ARG A 203 8.11 11.34 -14.32
N PHE A 204 8.37 11.08 -15.60
CA PHE A 204 7.33 10.56 -16.50
C PHE A 204 6.72 9.28 -15.95
N LYS A 205 7.56 8.36 -15.49
CA LYS A 205 7.08 7.10 -14.94
C LYS A 205 6.35 7.31 -13.62
N SER A 206 6.85 8.20 -12.76
CA SER A 206 6.16 8.48 -11.51
C SER A 206 4.74 8.99 -11.77
N ARG A 207 4.63 9.94 -12.70
CA ARG A 207 3.34 10.51 -13.05
C ARG A 207 2.43 9.49 -13.70
N ALA A 208 2.98 8.59 -14.50
CA ALA A 208 2.13 7.59 -15.15
C ALA A 208 1.51 6.66 -14.11
N LEU A 209 2.30 6.26 -13.10
CA LEU A 209 1.73 5.44 -12.02
C LEU A 209 0.64 6.19 -11.28
N THR A 210 0.94 7.44 -10.94
CA THR A 210 0.03 8.25 -10.14
C THR A 210 -1.26 8.47 -10.92
N ASP A 211 -1.14 8.86 -12.18
CA ASP A 211 -2.33 9.11 -13.01
C ASP A 211 -3.18 7.85 -13.14
N PHE A 212 -2.52 6.70 -13.20
CA PHE A 212 -3.25 5.42 -13.23
C PHE A 212 -4.07 5.21 -11.96
N THR A 213 -3.49 5.46 -10.79
CA THR A 213 -4.25 5.31 -9.57
C THR A 213 -5.43 6.30 -9.51
N LEU A 214 -5.22 7.52 -10.02
CA LEU A 214 -6.26 8.53 -9.96
C LEU A 214 -7.41 8.20 -10.92
N GLU A 215 -7.07 7.46 -11.97
CA GLU A 215 -8.07 6.91 -12.86
C GLU A 215 -8.94 5.91 -12.09
N LEU A 216 -8.28 5.07 -11.29
CA LEU A 216 -8.99 4.05 -10.52
C LEU A 216 -9.87 4.70 -9.46
N SER A 217 -9.34 5.69 -8.75
CA SER A 217 -10.15 6.30 -7.68
C SER A 217 -11.36 7.03 -8.31
N ALA A 218 -11.16 7.65 -9.47
CA ALA A 218 -12.28 8.29 -10.15
C ALA A 218 -13.38 7.27 -10.47
N ARG A 219 -12.98 6.09 -10.93
CA ARG A 219 -13.95 5.03 -11.23
C ARG A 219 -14.72 4.57 -10.00
N VAL A 220 -14.02 4.44 -8.88
CA VAL A 220 -14.66 4.09 -7.63
C VAL A 220 -15.60 5.21 -7.17
N LYS A 221 -15.12 6.45 -7.23
CA LYS A 221 -15.92 7.60 -6.78
C LYS A 221 -17.17 7.77 -7.64
N ALA A 222 -17.11 7.35 -8.89
CA ALA A 222 -18.26 7.46 -9.78
C ALA A 222 -19.39 6.58 -9.27
N ILE A 223 -19.01 5.46 -8.66
CA ILE A 223 -19.96 4.47 -8.16
C ILE A 223 -20.34 4.73 -6.70
N ARG A 224 -19.35 5.00 -5.86
CA ARG A 224 -19.61 5.12 -4.41
C ARG A 224 -19.86 6.54 -3.95
N GLY A 225 -19.38 7.54 -4.69
CA GLY A 225 -19.53 8.92 -4.28
C GLY A 225 -18.18 9.60 -4.08
N PRO A 226 -18.19 10.95 -3.96
CA PRO A 226 -16.99 11.78 -3.90
C PRO A 226 -16.32 11.78 -2.53
N HIS A 227 -17.03 11.25 -1.53
CA HIS A 227 -16.55 11.22 -0.15
C HIS A 227 -15.38 10.24 0.05
N ILE A 228 -15.22 9.33 -0.90
CA ILE A 228 -14.19 8.30 -0.83
C ILE A 228 -12.79 8.89 -0.72
N LYS A 229 -12.06 8.50 0.32
CA LYS A 229 -10.71 9.00 0.55
C LYS A 229 -9.68 8.16 -0.19
N THR A 230 -8.53 8.75 -0.49
CA THR A 230 -7.47 7.96 -1.10
C THR A 230 -6.23 7.95 -0.24
N ALA A 231 -5.55 6.81 -0.23
CA ALA A 231 -4.25 6.67 0.40
C ALA A 231 -3.39 5.86 -0.54
N ARG A 232 -2.07 6.04 -0.46
CA ARG A 232 -1.16 5.20 -1.22
C ARG A 232 0.09 4.94 -0.39
N ASN A 233 0.56 3.69 -0.36
CA ASN A 233 1.81 3.37 0.32
C ASN A 233 3.00 3.90 -0.48
N ILE A 234 3.90 4.59 0.20
CA ILE A 234 5.14 5.04 -0.42
C ILE A 234 6.31 4.40 0.31
N PHE A 235 7.34 4.01 -0.43
CA PHE A 235 8.56 3.51 0.21
C PHE A 235 9.29 4.63 0.92
N ALA A 236 10.08 4.29 1.94
CA ALA A 236 10.73 5.33 2.73
C ALA A 236 11.82 6.08 1.97
N LEU A 237 12.52 5.40 1.07
CA LEU A 237 13.67 6.04 0.42
C LEU A 237 13.25 7.26 -0.42
N PRO A 238 12.14 7.16 -1.18
CA PRO A 238 11.75 8.37 -1.91
C PRO A 238 11.49 9.57 -0.99
N VAL A 239 11.15 9.30 0.26
CA VAL A 239 10.99 10.40 1.23
C VAL A 239 12.33 10.94 1.74
N ILE A 240 13.20 10.07 2.25
CA ILE A 240 14.43 10.52 2.89
C ILE A 240 15.60 10.74 1.91
N GLN A 241 15.51 10.14 0.72
CA GLN A 241 16.53 10.29 -0.30
C GLN A 241 15.84 10.45 -1.65
N PRO A 242 15.34 11.66 -1.94
CA PRO A 242 14.44 11.86 -3.08
C PRO A 242 15.03 11.48 -4.46
N GLU A 243 16.36 11.41 -4.56
CA GLU A 243 16.97 11.02 -5.83
C GLU A 243 16.58 9.59 -6.17
N SER A 244 16.15 8.83 -5.16
CA SER A 244 15.79 7.43 -5.32
C SER A 244 14.49 7.27 -6.11
N GLU A 245 13.78 8.36 -6.34
CA GLU A 245 12.68 8.33 -7.31
C GLU A 245 13.11 7.68 -8.63
N ALA A 246 14.38 7.83 -9.00
CA ALA A 246 14.90 7.24 -10.23
C ALA A 246 14.67 5.73 -10.28
N TRP A 247 14.68 5.05 -9.14
CA TRP A 247 14.45 3.60 -9.18
C TRP A 247 13.26 3.12 -8.36
N PHE A 248 12.37 4.05 -7.99
CA PHE A 248 11.06 3.71 -7.45
C PHE A 248 9.90 4.25 -8.29
N ALA A 249 10.11 5.29 -9.09
CA ALA A 249 9.00 6.00 -9.74
C ALA A 249 7.94 6.37 -8.71
N GLN A 250 8.39 6.79 -7.53
CA GLN A 250 7.49 7.35 -6.52
C GLN A 250 8.07 8.68 -6.06
N ASN A 251 7.22 9.69 -5.90
CA ASN A 251 7.69 11.02 -5.57
C ASN A 251 6.86 11.53 -4.40
N TYR A 252 7.52 11.86 -3.29
CA TYR A 252 6.79 12.17 -2.05
C TYR A 252 5.89 13.39 -2.24
N ALA A 253 6.44 14.47 -2.78
CA ALA A 253 5.64 15.69 -3.00
C ALA A 253 4.42 15.40 -3.88
N ASP A 254 4.59 14.55 -4.88
CA ASP A 254 3.51 14.13 -5.78
C ASP A 254 2.40 13.41 -5.01
N PHE A 255 2.79 12.46 -4.15
CA PHE A 255 1.83 11.74 -3.30
C PHE A 255 1.04 12.72 -2.43
N LEU A 256 1.75 13.65 -1.80
CA LEU A 256 1.11 14.61 -0.91
C LEU A 256 0.06 15.47 -1.64
N LYS A 257 0.32 15.76 -2.91
CA LYS A 257 -0.63 16.54 -3.68
C LYS A 257 -1.78 15.69 -4.22
N SER A 258 -1.51 14.42 -4.45
CA SER A 258 -2.44 13.57 -5.22
C SER A 258 -3.44 12.79 -4.38
N TYR A 259 -3.05 12.44 -3.14
CA TYR A 259 -3.86 11.58 -2.29
C TYR A 259 -4.23 12.29 -1.00
N ASP A 260 -5.29 11.82 -0.36
CA ASP A 260 -5.64 12.34 0.97
C ASP A 260 -4.58 11.96 1.99
N TRP A 261 -4.00 10.78 1.85
CA TRP A 261 -3.05 10.24 2.81
C TRP A 261 -1.88 9.58 2.13
N THR A 262 -0.68 9.93 2.55
CA THR A 262 0.51 9.27 2.05
C THR A 262 0.99 8.32 3.14
N ALA A 263 0.89 7.02 2.90
CA ALA A 263 1.19 6.03 3.93
C ALA A 263 2.60 5.55 3.79
N ILE A 264 3.50 6.23 4.51
CA ILE A 264 4.93 5.92 4.46
C ILE A 264 5.25 4.62 5.18
N MET A 265 5.94 3.72 4.50
CA MET A 265 6.32 2.47 5.15
C MET A 265 7.57 2.72 5.98
N ALA A 266 7.32 3.21 7.20
CA ALA A 266 8.35 3.61 8.12
C ALA A 266 8.92 2.38 8.79
N MET A 267 9.59 1.56 7.98
CA MET A 267 9.98 0.23 8.39
C MET A 267 11.49 0.02 8.28
N PRO A 268 12.21 0.29 9.38
CA PRO A 268 13.68 0.28 9.38
C PRO A 268 14.24 -1.08 9.02
N TYR A 269 13.65 -2.15 9.57
CA TYR A 269 14.21 -3.48 9.38
C TYR A 269 13.99 -3.93 7.94
N LEU A 270 12.87 -3.50 7.37
CA LEU A 270 12.62 -3.73 5.95
C LEU A 270 13.74 -3.10 5.11
N GLU A 271 14.21 -1.93 5.54
CA GLU A 271 15.21 -1.18 4.81
C GLU A 271 16.64 -1.56 5.20
N GLY A 272 16.78 -2.63 5.98
CA GLY A 272 18.08 -3.15 6.33
C GLY A 272 18.80 -2.42 7.44
N VAL A 273 18.07 -1.58 8.17
CA VAL A 273 18.66 -0.81 9.28
C VAL A 273 18.86 -1.70 10.50
N ALA A 274 20.03 -1.60 11.12
CA ALA A 274 20.35 -2.41 12.29
C ALA A 274 19.45 -2.05 13.46
N GLU A 275 19.17 -3.04 14.30
CA GLU A 275 18.28 -2.85 15.44
C GLU A 275 18.68 -1.64 16.28
N LYS A 276 19.97 -1.48 16.52
CA LYS A 276 20.46 -0.39 17.35
C LYS A 276 20.37 0.96 16.65
N SER A 277 20.11 0.96 15.35
CA SER A 277 20.08 2.20 14.57
C SER A 277 18.66 2.58 14.12
N ALA A 278 17.68 1.78 14.52
CA ALA A 278 16.31 1.96 14.02
C ALA A 278 15.65 3.24 14.52
N ASP A 279 15.85 3.57 15.80
CA ASP A 279 15.25 4.77 16.37
C ASP A 279 15.77 6.00 15.64
N GLN A 280 17.09 6.08 15.46
CA GLN A 280 17.68 7.23 14.77
C GLN A 280 17.17 7.35 13.35
N TRP A 281 17.01 6.22 12.68
CA TRP A 281 16.47 6.18 11.33
C TRP A 281 15.06 6.78 11.29
N LEU A 282 14.23 6.37 12.24
CA LEU A 282 12.87 6.89 12.34
C LEU A 282 12.87 8.39 12.66
N ILE A 283 13.77 8.80 13.55
CA ILE A 283 13.91 10.20 13.90
C ILE A 283 14.29 11.02 12.66
N GLN A 284 15.24 10.51 11.89
CA GLN A 284 15.66 11.21 10.67
C GLN A 284 14.50 11.28 9.68
N LEU A 285 13.74 10.19 9.56
CA LEU A 285 12.55 10.19 8.71
C LEU A 285 11.58 11.30 9.11
N THR A 286 11.26 11.39 10.39
CA THR A 286 10.32 12.41 10.86
C THR A 286 10.88 13.81 10.63
N ASN A 287 12.20 13.97 10.78
CA ASN A 287 12.84 15.26 10.52
C ASN A 287 12.63 15.69 9.06
N GLN A 288 12.87 14.78 8.13
CA GLN A 288 12.66 15.05 6.71
C GLN A 288 11.23 15.48 6.42
N ILE A 289 10.27 14.76 7.00
CA ILE A 289 8.86 15.09 6.86
C ILE A 289 8.52 16.47 7.41
N LYS A 290 8.93 16.73 8.65
CA LYS A 290 8.61 18.02 9.28
C LYS A 290 9.23 19.20 8.53
N ASN A 291 10.26 18.94 7.72
CA ASN A 291 10.93 19.98 6.95
C ASN A 291 10.15 20.40 5.72
N ILE A 292 9.11 19.65 5.41
CA ILE A 292 8.19 19.98 4.32
C ILE A 292 6.88 20.45 4.94
N PRO A 293 6.59 21.75 4.84
CA PRO A 293 5.39 22.34 5.45
C PRO A 293 4.13 21.55 5.12
N GLN A 294 3.40 21.17 6.17
CA GLN A 294 2.11 20.46 6.08
C GLN A 294 2.21 19.01 5.63
N ALA A 295 3.42 18.53 5.35
CA ALA A 295 3.57 17.14 4.91
C ALA A 295 3.10 16.16 6.00
N LYS A 296 3.40 16.43 7.26
CA LYS A 296 3.04 15.49 8.32
C LYS A 296 1.52 15.38 8.48
N ASP A 297 0.79 16.44 8.12
CA ASP A 297 -0.64 16.44 8.34
C ASP A 297 -1.39 15.61 7.30
N LYS A 298 -0.68 15.16 6.27
CA LYS A 298 -1.25 14.38 5.18
C LYS A 298 -0.49 13.07 5.02
N SER A 299 0.32 12.73 6.02
CA SER A 299 1.12 11.52 5.97
C SER A 299 0.77 10.62 7.14
N ILE A 300 0.81 9.30 6.89
CA ILE A 300 0.65 8.32 7.96
C ILE A 300 1.95 7.55 8.04
N LEU A 301 2.52 7.43 9.23
CA LEU A 301 3.73 6.62 9.33
C LEU A 301 3.35 5.20 9.72
N GLU A 302 3.52 4.30 8.76
CA GLU A 302 3.15 2.91 8.97
C GLU A 302 4.36 2.12 9.44
N LEU A 303 4.30 1.68 10.69
CA LEU A 303 5.36 0.88 11.29
C LEU A 303 5.21 -0.61 10.92
N GLN A 304 6.30 -1.38 11.01
CA GLN A 304 6.21 -2.82 10.79
C GLN A 304 6.06 -3.58 12.11
N ALA A 305 5.21 -4.60 12.11
CA ALA A 305 4.96 -5.42 13.29
C ALA A 305 5.49 -6.83 13.09
N GLN A 306 6.10 -7.03 11.93
CA GLN A 306 6.80 -8.26 11.61
C GLN A 306 8.11 -7.90 10.94
N ASN A 307 9.11 -8.76 11.10
CA ASN A 307 10.40 -8.58 10.44
C ASN A 307 10.50 -9.62 9.33
N TRP A 308 10.28 -9.21 8.08
CA TRP A 308 10.11 -10.20 7.02
C TRP A 308 11.45 -10.78 6.57
N GLN A 309 11.44 -12.09 6.32
CA GLN A 309 12.64 -12.80 5.92
C GLN A 309 12.52 -13.29 4.48
N LYS A 310 13.65 -13.35 3.79
CA LYS A 310 13.68 -13.80 2.41
C LYS A 310 13.17 -15.25 2.30
N ASN A 311 13.51 -16.09 3.27
CA ASN A 311 13.12 -17.50 3.21
C ASN A 311 11.66 -17.75 3.58
N GLY A 312 10.90 -16.68 3.80
CA GLY A 312 9.47 -16.80 4.03
C GLY A 312 9.03 -16.83 5.48
N GLN A 313 9.92 -17.22 6.37
CA GLN A 313 9.57 -17.34 7.78
C GLN A 313 9.80 -16.03 8.51
N HIS A 314 8.77 -15.21 8.55
CA HIS A 314 8.86 -13.87 9.10
C HIS A 314 8.96 -13.90 10.62
N GLN A 315 9.69 -12.94 11.17
CA GLN A 315 9.96 -12.90 12.60
C GLN A 315 9.17 -11.77 13.24
N ALA A 316 8.45 -12.07 14.30
CA ALA A 316 7.59 -11.06 14.91
C ALA A 316 8.41 -9.96 15.59
N ILE A 317 7.81 -8.77 15.67
CA ILE A 317 8.38 -7.66 16.39
C ILE A 317 7.57 -7.55 17.67
N SER A 318 8.22 -7.35 18.81
CA SER A 318 7.50 -7.41 20.08
C SER A 318 6.52 -6.27 20.19
N SER A 319 5.47 -6.46 20.98
CA SER A 319 4.53 -5.38 21.22
C SER A 319 5.25 -4.21 21.90
N GLN A 320 6.21 -4.54 22.75
CA GLN A 320 7.00 -3.53 23.45
C GLN A 320 7.77 -2.67 22.46
N GLN A 321 8.43 -3.31 21.50
CA GLN A 321 9.18 -2.60 20.46
C GLN A 321 8.26 -1.71 19.63
N LEU A 322 7.08 -2.22 19.29
CA LEU A 322 6.13 -1.44 18.49
C LEU A 322 5.63 -0.24 19.27
N ALA A 323 5.28 -0.45 20.54
CA ALA A 323 4.80 0.66 21.39
C ALA A 323 5.89 1.71 21.57
N HIS A 324 7.14 1.24 21.70
CA HIS A 324 8.30 2.11 21.83
C HIS A 324 8.44 3.03 20.62
N TRP A 325 8.26 2.47 19.43
CA TRP A 325 8.33 3.24 18.19
C TRP A 325 7.21 4.25 18.08
N MET A 326 6.01 3.85 18.49
CA MET A 326 4.86 4.76 18.49
C MET A 326 5.10 5.94 19.42
N SER A 327 5.63 5.66 20.60
CA SER A 327 6.01 6.70 21.54
C SER A 327 7.09 7.60 20.94
N LEU A 328 8.09 7.00 20.31
CA LEU A 328 9.14 7.74 19.63
C LEU A 328 8.57 8.72 18.60
N LEU A 329 7.60 8.25 17.80
CA LEU A 329 6.96 9.12 16.80
C LEU A 329 6.25 10.28 17.47
N GLN A 330 5.46 9.99 18.50
CA GLN A 330 4.73 11.03 19.24
C GLN A 330 5.67 12.08 19.79
N LEU A 331 6.76 11.63 20.40
CA LEU A 331 7.73 12.53 21.03
C LEU A 331 8.48 13.36 20.01
N ASN A 332 8.44 12.92 18.76
CA ASN A 332 9.06 13.64 17.66
C ASN A 332 8.04 14.40 16.80
N GLY A 333 6.84 14.62 17.35
CA GLY A 333 5.88 15.51 16.74
C GLY A 333 5.06 14.92 15.62
N VAL A 334 5.07 13.59 15.51
CA VAL A 334 4.28 12.90 14.50
C VAL A 334 3.10 12.22 15.17
N LYS A 335 1.89 12.60 14.80
CA LYS A 335 0.71 12.06 15.48
C LYS A 335 -0.09 11.05 14.66
N ASN A 336 0.15 10.99 13.36
CA ASN A 336 -0.56 10.07 12.46
C ASN A 336 0.27 8.84 12.16
N TYR A 337 -0.15 7.67 12.64
CA TYR A 337 0.65 6.49 12.43
C TYR A 337 -0.16 5.20 12.58
N GLY A 338 0.48 4.08 12.26
CA GLY A 338 -0.20 2.80 12.30
C GLY A 338 0.80 1.68 12.15
N TYR A 339 0.31 0.47 11.87
CA TYR A 339 1.24 -0.65 11.68
C TYR A 339 0.68 -1.74 10.79
N TYR A 340 1.59 -2.53 10.24
CA TYR A 340 1.28 -3.69 9.44
C TYR A 340 2.30 -4.77 9.79
N PRO A 341 1.86 -6.03 9.94
CA PRO A 341 0.48 -6.53 9.86
C PRO A 341 -0.13 -6.75 11.25
N ASP A 342 -1.38 -7.15 11.27
CA ASP A 342 -2.09 -7.45 12.51
C ASP A 342 -2.37 -8.94 12.57
N ASN A 343 -2.44 -9.51 13.76
CA ASN A 343 -2.72 -10.93 13.89
C ASN A 343 -3.65 -11.19 15.07
N PHE A 344 -4.96 -11.16 14.78
CA PHE A 344 -5.97 -11.38 15.80
C PHE A 344 -5.84 -12.75 16.47
N LEU A 345 -5.33 -13.73 15.73
CA LEU A 345 -5.28 -15.11 16.22
C LEU A 345 -4.39 -15.27 17.44
N HIS A 346 -3.35 -14.44 17.53
CA HIS A 346 -2.42 -14.51 18.64
C HIS A 346 -2.35 -13.22 19.45
N ASN A 347 -3.34 -12.33 19.23
CA ASN A 347 -3.36 -11.01 19.86
C ASN A 347 -1.98 -10.36 19.73
N GLN A 348 -1.54 -10.23 18.48
CA GLN A 348 -0.22 -9.70 18.18
C GLN A 348 -0.38 -8.63 17.09
N PRO A 349 -0.04 -7.36 17.42
CA PRO A 349 0.48 -6.92 18.72
C PRO A 349 -0.59 -6.97 19.80
N GLU A 350 -0.15 -7.00 21.06
CA GLU A 350 -1.04 -7.13 22.19
C GLU A 350 -1.82 -5.86 22.43
N ILE A 351 -3.14 -5.94 22.39
CA ILE A 351 -4.01 -4.79 22.58
C ILE A 351 -3.61 -3.97 23.80
N ASP A 352 -3.48 -4.64 24.94
CA ASP A 352 -3.26 -3.95 26.20
C ASP A 352 -1.91 -3.25 26.24
N LEU A 353 -0.94 -3.77 25.50
CA LEU A 353 0.40 -3.19 25.50
C LEU A 353 0.54 -2.04 24.50
N ILE A 354 -0.19 -2.07 23.39
CA ILE A 354 0.03 -0.98 22.45
C ILE A 354 -1.00 0.15 22.58
N ARG A 355 -2.19 -0.12 23.10
CA ARG A 355 -3.21 0.93 23.25
C ARG A 355 -2.70 2.21 23.94
N PRO A 356 -1.87 2.09 25.00
CA PRO A 356 -1.39 3.33 25.63
C PRO A 356 -0.69 4.31 24.68
N GLU A 357 -0.05 3.78 23.64
CA GLU A 357 0.70 4.60 22.69
C GLU A 357 -0.02 4.74 21.36
N PHE A 358 -1.17 4.09 21.22
CA PHE A 358 -1.81 3.95 19.91
C PHE A 358 -3.21 4.58 19.94
N SER A 359 -3.96 4.32 21.01
CA SER A 359 -5.32 4.81 21.14
C SER A 359 -5.38 6.16 21.83
N THR A 360 -5.95 7.16 21.16
CA THR A 360 -6.12 8.48 21.79
C THR A 360 -7.12 8.43 22.95
N ALA A 361 -8.02 7.45 22.91
CA ALA A 361 -9.04 7.31 23.94
C ALA A 361 -8.51 6.63 25.21
N TRP A 362 -7.26 6.18 25.18
CA TRP A 362 -6.70 5.45 26.32
C TRP A 362 -6.50 6.36 27.54
N TYR A 363 -6.80 5.84 28.71
CA TYR A 363 -6.53 6.55 29.96
C TYR A 363 -5.91 5.62 31.00
N PRO A 364 -5.05 6.18 31.87
CA PRO A 364 -4.43 5.45 32.99
C PRO A 364 -5.44 5.06 34.06
C1 GCS B . 6.01 -7.29 3.04
C2 GCS B . 6.60 -7.55 1.71
C3 GCS B . 5.96 -6.73 0.69
C4 GCS B . 5.68 -5.33 1.04
C5 GCS B . 5.72 -4.92 2.52
C6 GCS B . 4.35 -4.45 3.00
N2 GCS B . 8.03 -7.29 1.74
O1 GCS B . 4.66 -7.63 3.08
O3 GCS B . 4.74 -7.35 0.40
O4 GCS B . 6.54 -4.45 0.37
O5 GCS B . 6.24 -5.87 3.43
O6 GCS B . 4.27 -3.91 4.24
C1 GCS C . 19.88 0.94 -6.31
C2 GCS C . 21.13 1.65 -6.66
C3 GCS C . 21.03 2.32 -7.97
C4 GCS C . 20.71 1.36 -9.00
C5 GCS C . 19.38 0.67 -8.69
C6 GCS C . 19.05 -0.37 -9.75
N2 GCS C . 21.46 2.64 -5.64
O1 GCS C . 20.03 0.19 -5.15
O3 GCS C . 22.27 2.92 -8.24
O4 GCS C . 20.59 1.97 -10.25
O5 GCS C . 19.36 0.07 -7.42
O6 GCS C . 17.80 -0.90 -9.75
C1 GCS D . 12.30 -2.44 0.44
C2 GCS D . 12.01 -3.29 -0.77
C3 GCS D . 12.68 -2.95 -2.04
C4 GCS D . 13.77 -1.99 -2.03
C5 GCS D . 14.23 -1.56 -0.63
C6 GCS D . 15.20 -0.39 -0.68
N2 GCS D . 12.33 -4.68 -0.44
O1 GCS D . 11.13 -2.08 1.09
O3 GCS D . 11.68 -2.50 -2.91
O4 GCS D . 14.90 -2.51 -2.65
O5 GCS D . 13.12 -1.22 0.15
O6 GCS D . 14.70 0.85 -0.46
#